data_7N11
#
_entry.id   7N11
#
_cell.length_a   37.249
_cell.length_b   51.597
_cell.length_c   116.149
_cell.angle_alpha   90.000
_cell.angle_beta   90.000
_cell.angle_gamma   90.000
#
_symmetry.space_group_name_H-M   'P 21 2 21'
#
loop_
_entity.id
_entity.type
_entity.pdbx_description
1 polymer 'Leucine--tRNA ligase'
2 non-polymer 'SULFATE ION'
3 water water
#
_entity_poly.entity_id   1
_entity_poly.type   'polypeptide(L)'
_entity_poly.pdbx_seq_one_letter_code
;SQGASVLFGAPGAGDIEVFTTRPDTLFGATYMVLAPEHPLVDQLAADVWPQDTDPRWTGGQDSPRAAIEQYRRSIAAKSD
LERQENKEKTGVFTGAYATNPVSGKPVPVFIADYVLLGYGTGAIMAVPGHDQRDWDFANTFGLPVQEVISGGDVTKAAYT
GDGVLVNSDYLDGLDIEAAKVEVTRRLVKDGRGESR
;
_entity_poly.pdbx_strand_id   A
#
loop_
_chem_comp.id
_chem_comp.type
_chem_comp.name
_chem_comp.formula
SO4 non-polymer 'SULFATE ION' 'O4 S -2'
#
# COMPACT_ATOMS: atom_id res chain seq x y z
N GLN A 2 -10.69 12.25 12.14
CA GLN A 2 -9.72 12.96 11.24
C GLN A 2 -9.18 11.95 10.22
N GLY A 3 -8.69 10.79 10.67
CA GLY A 3 -8.19 9.71 9.81
C GLY A 3 -9.27 8.68 9.50
N ALA A 4 -8.90 7.56 8.92
CA ALA A 4 -9.87 6.52 8.54
C ALA A 4 -9.28 5.11 8.58
N SER A 5 -10.06 4.15 9.00
CA SER A 5 -9.68 2.76 8.79
C SER A 5 -10.31 2.29 7.48
N VAL A 6 -9.52 1.56 6.70
CA VAL A 6 -9.84 1.23 5.32
C VAL A 6 -9.62 -0.28 5.15
N LEU A 7 -10.60 -0.95 4.58
CA LEU A 7 -10.52 -2.39 4.36
C LEU A 7 -10.33 -2.64 2.88
N PHE A 8 -9.18 -3.21 2.52
CA PHE A 8 -8.92 -3.64 1.14
C PHE A 8 -9.33 -5.10 1.00
N GLY A 9 -10.23 -5.39 0.08
CA GLY A 9 -10.59 -6.77 -0.20
C GLY A 9 -9.46 -7.49 -0.92
N ALA A 10 -9.13 -8.69 -0.45
CA ALA A 10 -8.21 -9.56 -1.15
C ALA A 10 -8.94 -10.83 -1.56
N PRO A 11 -8.84 -11.24 -2.83
CA PRO A 11 -9.66 -12.37 -3.31
C PRO A 11 -9.47 -13.61 -2.46
N GLY A 12 -10.59 -14.16 -1.99
CA GLY A 12 -10.61 -15.43 -1.28
C GLY A 12 -9.95 -15.43 0.08
N ALA A 13 -9.52 -14.27 0.58
CA ALA A 13 -8.78 -14.22 1.83
C ALA A 13 -9.29 -13.14 2.77
N GLY A 14 -10.48 -12.62 2.52
CA GLY A 14 -11.04 -11.62 3.42
C GLY A 14 -10.40 -10.26 3.19
N ASP A 15 -10.28 -9.50 4.26
CA ASP A 15 -9.93 -8.08 4.18
C ASP A 15 -8.55 -7.82 4.75
N ILE A 16 -7.88 -6.81 4.18
CA ILE A 16 -6.67 -6.25 4.75
C ILE A 16 -7.02 -4.87 5.29
N GLU A 17 -6.82 -4.66 6.60
CA GLU A 17 -7.20 -3.38 7.20
C GLU A 17 -5.97 -2.49 7.35
N VAL A 18 -6.12 -1.22 6.95
CA VAL A 18 -5.07 -0.22 7.14
C VAL A 18 -5.67 0.99 7.86
N PHE A 19 -4.79 1.82 8.38
CA PHE A 19 -5.17 3.13 8.89
C PHE A 19 -4.43 4.19 8.09
N THR A 20 -5.14 5.23 7.69
CA THR A 20 -4.52 6.31 6.94
C THR A 20 -4.98 7.66 7.49
N THR A 21 -4.04 8.59 7.61
CA THR A 21 -4.45 9.95 7.91
C THR A 21 -4.89 10.72 6.65
N ARG A 22 -4.69 10.15 5.45
CA ARG A 22 -5.03 10.83 4.20
C ARG A 22 -5.96 9.96 3.36
N PRO A 23 -7.17 9.67 3.85
CA PRO A 23 -8.13 8.94 3.01
C PRO A 23 -8.41 9.63 1.68
N ASP A 24 -8.17 10.95 1.58
CA ASP A 24 -8.40 11.66 0.33
C ASP A 24 -7.49 11.20 -0.80
N THR A 25 -6.35 10.59 -0.48
CA THR A 25 -5.39 10.10 -1.47
C THR A 25 -5.68 8.66 -1.94
N LEU A 26 -6.81 8.09 -1.56
CA LEU A 26 -7.10 6.69 -1.89
C LEU A 26 -7.02 6.38 -3.38
N PHE A 27 -7.40 7.31 -4.27
CA PHE A 27 -7.20 7.03 -5.70
C PHE A 27 -5.73 7.00 -6.09
N GLY A 28 -4.83 7.46 -5.23
CA GLY A 28 -3.42 7.43 -5.53
C GLY A 28 -2.68 6.26 -4.93
N ALA A 29 -3.38 5.34 -4.28
CA ALA A 29 -2.73 4.17 -3.70
C ALA A 29 -2.33 3.20 -4.81
N THR A 30 -1.04 2.96 -4.94
CA THR A 30 -0.57 2.14 -6.04
C THR A 30 -0.04 0.80 -5.58
N TYR A 31 0.10 0.57 -4.29
CA TYR A 31 0.45 -0.75 -3.79
C TYR A 31 0.14 -0.81 -2.31
N MET A 32 0.13 -2.02 -1.77
CA MET A 32 0.01 -2.27 -0.34
C MET A 32 1.28 -2.94 0.17
N VAL A 33 1.58 -2.72 1.45
CA VAL A 33 2.70 -3.39 2.10
C VAL A 33 2.19 -4.04 3.37
N LEU A 34 2.44 -5.34 3.50
CA LEU A 34 2.05 -6.12 4.66
C LEU A 34 3.30 -6.51 5.46
N ALA A 35 3.14 -6.63 6.78
CA ALA A 35 4.19 -7.25 7.57
C ALA A 35 4.49 -8.64 7.01
N PRO A 36 5.76 -9.04 6.91
CA PRO A 36 6.07 -10.40 6.42
C PRO A 36 5.39 -11.51 7.22
N GLU A 37 5.07 -11.30 8.48
CA GLU A 37 4.40 -12.30 9.30
C GLU A 37 2.88 -12.20 9.23
N HIS A 38 2.32 -11.28 8.46
CA HIS A 38 0.85 -11.07 8.32
C HIS A 38 0.16 -12.41 8.10
N PRO A 39 -0.92 -12.71 8.81
CA PRO A 39 -1.61 -14.01 8.64
C PRO A 39 -2.13 -14.27 7.24
N LEU A 40 -2.38 -13.26 6.43
CA LEU A 40 -2.95 -13.50 5.12
C LEU A 40 -1.91 -13.84 4.07
N VAL A 41 -0.64 -13.51 4.32
CA VAL A 41 0.46 -13.64 3.32
C VAL A 41 0.48 -15.04 2.71
N ASP A 42 0.35 -16.09 3.51
CA ASP A 42 0.43 -17.43 2.94
C ASP A 42 -0.72 -17.69 1.97
N GLN A 43 -1.92 -17.23 2.29
CA GLN A 43 -3.05 -17.45 1.38
C GLN A 43 -2.96 -16.58 0.13
N LEU A 44 -2.37 -15.40 0.26
CA LEU A 44 -2.30 -14.45 -0.85
C LEU A 44 -1.30 -14.89 -1.92
N ALA A 45 -0.21 -15.52 -1.51
CA ALA A 45 0.85 -15.97 -2.42
C ALA A 45 0.25 -16.61 -3.66
N ALA A 46 0.61 -16.08 -4.83
CA ALA A 46 0.07 -16.61 -6.08
C ALA A 46 0.84 -17.86 -6.52
N ASP A 47 0.19 -18.69 -7.35
CA ASP A 47 0.84 -19.91 -7.84
C ASP A 47 2.07 -19.59 -8.69
N VAL A 48 1.96 -18.57 -9.56
CA VAL A 48 3.05 -18.17 -10.44
C VAL A 48 3.16 -16.66 -10.41
N TRP A 49 4.31 -16.15 -10.84
CA TRP A 49 4.45 -14.70 -10.96
C TRP A 49 3.59 -14.22 -12.11
N PRO A 50 2.71 -13.24 -11.90
CA PRO A 50 1.92 -12.71 -13.02
C PRO A 50 2.81 -11.92 -13.98
N GLN A 51 2.25 -11.63 -15.17
CA GLN A 51 3.06 -11.00 -16.21
C GLN A 51 3.48 -9.58 -15.82
N ASP A 52 2.75 -8.93 -14.94
CA ASP A 52 3.12 -7.59 -14.49
C ASP A 52 4.16 -7.60 -13.36
N THR A 53 4.77 -8.74 -13.07
CA THR A 53 5.82 -8.80 -12.04
C THR A 53 7.09 -8.14 -12.52
N ASP A 54 7.66 -7.23 -11.70
CA ASP A 54 8.96 -6.65 -12.02
C ASP A 54 10.06 -7.55 -11.48
N PRO A 55 11.17 -7.78 -12.20
CA PRO A 55 12.22 -8.67 -11.65
C PRO A 55 12.85 -8.13 -10.38
N ARG A 56 12.73 -6.84 -10.10
CA ARG A 56 13.21 -6.32 -8.82
C ARG A 56 12.30 -6.69 -7.64
N TRP A 57 11.17 -7.31 -7.91
CA TRP A 57 10.21 -7.70 -6.86
C TRP A 57 10.31 -9.15 -6.41
N THR A 58 11.15 -9.97 -7.05
CA THR A 58 11.04 -11.42 -6.89
C THR A 58 12.12 -12.03 -5.99
N GLY A 59 13.12 -11.25 -5.57
CA GLY A 59 14.33 -11.84 -5.00
C GLY A 59 15.03 -12.83 -5.90
N GLY A 60 14.73 -12.86 -7.20
CA GLY A 60 15.32 -13.85 -8.06
C GLY A 60 14.72 -15.24 -7.96
N GLN A 61 13.62 -15.41 -7.24
CA GLN A 61 13.05 -16.72 -7.01
C GLN A 61 12.03 -17.12 -8.06
N ASP A 62 11.79 -18.43 -8.16
CA ASP A 62 10.94 -19.02 -9.18
C ASP A 62 9.46 -18.72 -8.95
N SER A 63 9.06 -18.46 -7.71
CA SER A 63 7.64 -18.39 -7.42
C SER A 63 7.44 -17.42 -6.29
N PRO A 64 6.22 -16.90 -6.11
CA PRO A 64 5.93 -16.09 -4.91
C PRO A 64 6.23 -16.80 -3.60
N ARG A 65 5.91 -18.07 -3.49
CA ARG A 65 6.15 -18.81 -2.24
C ARG A 65 7.65 -18.86 -1.93
N ALA A 66 8.46 -19.09 -2.93
CA ALA A 66 9.90 -19.13 -2.71
C ALA A 66 10.43 -17.77 -2.31
N ALA A 67 9.97 -16.70 -2.97
CA ALA A 67 10.43 -15.36 -2.63
C ALA A 67 10.04 -14.98 -1.20
N ILE A 68 8.82 -15.38 -0.79
CA ILE A 68 8.32 -15.03 0.54
C ILE A 68 9.12 -15.76 1.62
N GLU A 69 9.35 -17.06 1.45
CA GLU A 69 10.02 -17.80 2.51
C GLU A 69 11.51 -17.43 2.58
N GLN A 70 12.12 -17.07 1.46
CA GLN A 70 13.49 -16.58 1.53
C GLN A 70 13.57 -15.22 2.20
N TYR A 71 12.67 -14.31 1.86
CA TYR A 71 12.66 -13.00 2.50
C TYR A 71 12.44 -13.14 4.00
N ARG A 72 11.46 -13.95 4.40
CA ARG A 72 11.18 -14.14 5.82
C ARG A 72 12.42 -14.62 6.56
N ARG A 73 13.22 -15.46 5.92
CA ARG A 73 14.43 -15.95 6.55
C ARG A 73 15.51 -14.87 6.64
N SER A 74 15.58 -13.98 5.65
CA SER A 74 16.60 -12.94 5.65
C SER A 74 16.37 -11.88 6.72
N ILE A 75 15.18 -11.84 7.32
CA ILE A 75 14.81 -10.79 8.26
C ILE A 75 14.42 -11.35 9.62
N ALA A 76 14.45 -12.67 9.80
CA ALA A 76 13.95 -13.27 11.03
C ALA A 76 14.70 -12.78 12.26
N ALA A 77 16.00 -12.50 12.13
CA ALA A 77 16.83 -12.12 13.26
C ALA A 77 16.74 -10.66 13.62
N LYS A 78 16.17 -9.82 12.77
CA LYS A 78 16.24 -8.38 12.96
C LYS A 78 15.33 -7.93 14.09
N SER A 79 15.82 -6.97 14.89
CA SER A 79 15.00 -6.42 15.96
C SER A 79 13.91 -5.54 15.38
N ASP A 80 12.97 -5.17 16.24
CA ASP A 80 11.80 -4.47 15.75
C ASP A 80 12.06 -2.99 15.46
N LEU A 81 13.05 -2.37 16.10
CA LEU A 81 13.48 -1.03 15.71
C LEU A 81 14.38 -1.05 14.48
N GLU A 82 15.22 -2.08 14.38
CA GLU A 82 15.99 -2.36 13.17
C GLU A 82 15.09 -2.33 11.94
N ARG A 83 13.96 -3.00 12.00
CA ARG A 83 13.00 -3.15 10.90
C ARG A 83 12.32 -1.81 10.59
N GLN A 84 11.77 -1.16 11.58
CA GLN A 84 10.91 0.03 11.38
C GLN A 84 11.71 1.27 11.01
N GLU A 85 12.94 1.40 11.47
CA GLU A 85 13.72 2.54 11.03
C GLU A 85 14.65 2.20 9.88
N ASN A 86 14.47 1.04 9.26
CA ASN A 86 15.33 0.58 8.17
C ASN A 86 15.59 1.71 7.18
N LYS A 87 16.87 2.02 6.98
CA LYS A 87 17.24 2.98 5.96
C LYS A 87 17.33 2.36 4.56
N GLU A 88 17.47 1.04 4.48
CA GLU A 88 17.40 0.35 3.20
C GLU A 88 15.99 -0.17 2.99
N LYS A 89 15.50 -0.06 1.78
CA LYS A 89 14.15 -0.52 1.46
C LYS A 89 14.26 -1.96 0.94
N THR A 90 13.71 -2.92 1.67
CA THR A 90 13.66 -4.30 1.18
C THR A 90 12.23 -4.80 1.20
N GLY A 91 11.98 -5.82 0.39
CA GLY A 91 10.67 -6.42 0.31
C GLY A 91 10.55 -7.27 -0.93
N VAL A 92 9.44 -8.03 -1.00
CA VAL A 92 9.13 -8.83 -2.18
C VAL A 92 7.63 -8.78 -2.44
N PHE A 93 7.28 -9.04 -3.69
CA PHE A 93 5.92 -9.06 -4.18
C PHE A 93 5.29 -10.42 -3.86
N THR A 94 4.01 -10.42 -3.47
CA THR A 94 3.32 -11.65 -3.11
C THR A 94 2.69 -12.34 -4.33
N GLY A 95 2.58 -11.63 -5.45
CA GLY A 95 1.78 -12.05 -6.55
C GLY A 95 0.33 -11.60 -6.51
N ALA A 96 -0.15 -11.09 -5.37
CA ALA A 96 -1.57 -10.84 -5.18
C ALA A 96 -1.92 -9.38 -5.40
N TYR A 97 -3.19 -9.14 -5.73
CA TYR A 97 -3.74 -7.80 -5.93
C TYR A 97 -4.99 -7.64 -5.07
N ALA A 98 -5.01 -6.57 -4.28
CA ALA A 98 -6.19 -6.24 -3.50
C ALA A 98 -7.04 -5.25 -4.30
N THR A 99 -8.32 -5.18 -3.94
CA THR A 99 -9.27 -4.29 -4.61
C THR A 99 -9.29 -2.98 -3.85
N ASN A 100 -8.98 -1.89 -4.54
CA ASN A 100 -9.13 -0.55 -3.99
C ASN A 100 -10.59 -0.36 -3.59
N PRO A 101 -10.90 -0.15 -2.31
CA PRO A 101 -12.30 -0.19 -1.88
C PRO A 101 -13.15 0.94 -2.42
N VAL A 102 -12.60 2.01 -3.00
CA VAL A 102 -13.41 3.05 -3.60
C VAL A 102 -13.31 3.03 -5.12
N SER A 103 -12.13 2.89 -5.68
CA SER A 103 -11.98 2.95 -7.13
C SER A 103 -12.18 1.61 -7.82
N GLY A 104 -12.05 0.51 -7.08
CA GLY A 104 -12.15 -0.82 -7.65
C GLY A 104 -10.93 -1.28 -8.43
N LYS A 105 -9.88 -0.48 -8.51
CA LYS A 105 -8.71 -0.85 -9.31
C LYS A 105 -7.83 -1.84 -8.55
N PRO A 106 -7.00 -2.61 -9.26
CA PRO A 106 -6.12 -3.57 -8.58
C PRO A 106 -4.94 -2.89 -7.91
N VAL A 107 -4.54 -3.41 -6.75
CA VAL A 107 -3.46 -2.84 -5.97
C VAL A 107 -2.51 -3.98 -5.63
N PRO A 108 -1.29 -4.02 -6.17
CA PRO A 108 -0.39 -5.15 -5.88
C PRO A 108 0.03 -5.17 -4.41
N VAL A 109 0.18 -6.38 -3.87
CA VAL A 109 0.39 -6.58 -2.45
C VAL A 109 1.82 -7.07 -2.22
N PHE A 110 2.58 -6.30 -1.44
CA PHE A 110 3.97 -6.58 -1.11
C PHE A 110 4.10 -6.88 0.37
N ILE A 111 5.18 -7.58 0.73
CA ILE A 111 5.62 -7.67 2.12
C ILE A 111 6.97 -6.99 2.25
N ALA A 112 7.20 -6.33 3.38
CA ALA A 112 8.46 -5.65 3.63
C ALA A 112 8.66 -5.53 5.13
N ASP A 113 9.92 -5.63 5.58
CA ASP A 113 10.13 -5.81 7.01
C ASP A 113 9.90 -4.53 7.79
N TYR A 114 9.81 -3.38 7.12
CA TYR A 114 9.59 -2.15 7.87
C TYR A 114 8.17 -2.05 8.40
N VAL A 115 7.26 -2.93 7.96
CA VAL A 115 5.93 -3.05 8.54
C VAL A 115 5.94 -4.19 9.56
N LEU A 116 5.39 -3.95 10.73
CA LEU A 116 5.51 -4.87 11.85
C LEU A 116 4.15 -5.17 12.44
N LEU A 117 3.96 -6.43 12.86
CA LEU A 117 2.79 -6.74 13.67
C LEU A 117 2.96 -6.18 15.08
N GLY A 118 1.85 -5.80 15.69
CA GLY A 118 1.85 -5.29 17.03
C GLY A 118 1.94 -3.79 17.14
N TYR A 119 2.55 -3.13 16.17
CA TYR A 119 2.72 -1.66 16.13
C TYR A 119 1.85 -1.10 15.01
N GLY A 120 0.52 -1.20 15.12
CA GLY A 120 -0.40 -0.81 14.08
C GLY A 120 -1.15 -2.01 13.52
N THR A 121 -1.79 -1.79 12.37
CA THR A 121 -2.65 -2.78 11.77
C THR A 121 -1.89 -3.94 11.11
N GLY A 122 -0.57 -3.84 10.94
CA GLY A 122 0.17 -4.84 10.19
C GLY A 122 0.11 -4.72 8.69
N ALA A 123 -0.47 -3.65 8.16
CA ALA A 123 -0.49 -3.39 6.72
C ALA A 123 -0.68 -1.89 6.50
N ILE A 124 -0.08 -1.36 5.43
CA ILE A 124 -0.23 0.04 5.09
C ILE A 124 -0.68 0.14 3.63
N MET A 125 -1.31 1.26 3.29
CA MET A 125 -1.59 1.57 1.89
C MET A 125 -0.61 2.66 1.45
N ALA A 126 0.00 2.47 0.30
CA ALA A 126 1.11 3.31 -0.10
C ALA A 126 0.64 4.30 -1.16
N VAL A 127 0.86 5.59 -0.89
CA VAL A 127 0.56 6.64 -1.86
C VAL A 127 1.85 7.39 -2.17
N PRO A 128 2.70 6.84 -3.05
CA PRO A 128 4.02 7.44 -3.25
C PRO A 128 3.97 8.86 -3.77
N GLY A 129 2.88 9.25 -4.43
CA GLY A 129 2.77 10.62 -4.91
C GLY A 129 2.66 11.64 -3.80
N HIS A 130 2.28 11.22 -2.59
CA HIS A 130 1.93 12.21 -1.57
C HIS A 130 2.41 11.79 -0.18
N ASP A 131 3.41 10.92 -0.12
CA ASP A 131 3.94 10.40 1.13
C ASP A 131 5.39 10.08 0.83
N GLN A 132 6.31 10.85 1.41
CA GLN A 132 7.75 10.74 1.09
C GLN A 132 8.30 9.35 1.39
N ARG A 133 7.91 8.76 2.52
CA ARG A 133 8.37 7.40 2.82
C ARG A 133 7.96 6.44 1.70
N ASP A 134 6.71 6.54 1.24
CA ASP A 134 6.25 5.72 0.12
C ASP A 134 7.02 6.07 -1.15
N TRP A 135 7.27 7.36 -1.39
CA TRP A 135 7.98 7.73 -2.61
C TRP A 135 9.34 7.04 -2.68
N ASP A 136 10.07 7.01 -1.56
CA ASP A 136 11.40 6.39 -1.53
C ASP A 136 11.31 4.88 -1.69
N PHE A 137 10.33 4.23 -1.06
CA PHE A 137 10.20 2.79 -1.25
C PHE A 137 9.83 2.47 -2.69
N ALA A 138 8.87 3.21 -3.26
CA ALA A 138 8.49 3.04 -4.66
C ALA A 138 9.69 3.23 -5.59
N ASN A 139 10.55 4.19 -5.24
CA ASN A 139 11.67 4.56 -6.08
C ASN A 139 12.68 3.42 -6.20
N THR A 140 12.86 2.65 -5.13
CA THR A 140 13.86 1.60 -5.18
C THR A 140 13.36 0.39 -5.95
N PHE A 141 12.04 0.15 -5.98
CA PHE A 141 11.47 -1.02 -6.61
C PHE A 141 10.78 -0.75 -7.95
N GLY A 142 10.55 0.50 -8.32
CA GLY A 142 9.86 0.80 -9.56
C GLY A 142 8.36 0.74 -9.47
N LEU A 143 7.78 0.92 -8.29
CA LEU A 143 6.33 0.90 -8.17
C LEU A 143 5.74 2.16 -8.80
N PRO A 144 4.50 2.10 -9.26
CA PRO A 144 3.90 3.29 -9.91
C PRO A 144 3.70 4.44 -8.93
N VAL A 145 3.76 5.65 -9.46
CA VAL A 145 3.63 6.88 -8.70
C VAL A 145 2.54 7.72 -9.36
N GLN A 146 1.45 7.95 -8.64
CA GLN A 146 0.27 8.62 -9.19
C GLN A 146 0.02 9.92 -8.46
N GLU A 147 -0.14 11.01 -9.21
CA GLU A 147 -0.55 12.29 -8.63
C GLU A 147 -2.07 12.33 -8.51
N VAL A 148 -2.56 12.67 -7.30
CA VAL A 148 -3.97 12.94 -7.09
C VAL A 148 -4.22 14.24 -6.35
N ILE A 149 -3.18 14.93 -5.91
CA ILE A 149 -3.31 16.28 -5.35
C ILE A 149 -2.44 17.21 -6.19
N SER A 150 -3.08 18.16 -6.85
CA SER A 150 -2.32 19.09 -7.67
C SER A 150 -1.49 20.04 -6.80
N GLY A 151 -0.31 20.38 -7.31
CA GLY A 151 0.46 21.45 -6.69
C GLY A 151 1.93 21.16 -6.53
N GLY A 152 2.33 19.90 -6.72
CA GLY A 152 3.73 19.54 -6.66
C GLY A 152 4.23 18.93 -7.96
N ASP A 153 5.25 18.08 -7.88
CA ASP A 153 5.78 17.39 -9.05
C ASP A 153 6.24 16.01 -8.58
N VAL A 154 5.37 15.01 -8.75
CA VAL A 154 5.67 13.71 -8.20
C VAL A 154 6.83 13.00 -8.90
N THR A 155 7.24 13.43 -10.09
CA THR A 155 8.42 12.84 -10.69
C THR A 155 9.68 13.13 -9.88
N LYS A 156 9.65 14.12 -8.99
CA LYS A 156 10.81 14.43 -8.17
C LYS A 156 10.67 14.08 -6.70
N ALA A 157 9.48 14.20 -6.12
CA ALA A 157 9.28 13.95 -4.70
C ALA A 157 7.79 13.91 -4.43
N ALA A 158 7.42 13.35 -3.28
CA ALA A 158 6.03 13.37 -2.88
C ALA A 158 5.58 14.80 -2.62
N TYR A 159 4.33 15.09 -2.95
CA TYR A 159 3.73 16.39 -2.66
C TYR A 159 2.81 16.24 -1.47
N THR A 160 3.21 16.81 -0.32
CA THR A 160 2.41 16.72 0.90
C THR A 160 1.60 17.98 1.18
N GLY A 161 1.68 18.99 0.32
CA GLY A 161 0.98 20.23 0.53
C GLY A 161 -0.48 20.20 0.14
N ASP A 162 -1.05 21.40 0.03
CA ASP A 162 -2.46 21.58 -0.23
C ASP A 162 -2.73 21.67 -1.72
N GLY A 163 -3.90 21.18 -2.12
CA GLY A 163 -4.33 21.31 -3.50
C GLY A 163 -5.65 20.59 -3.66
N VAL A 164 -6.17 20.62 -4.89
CA VAL A 164 -7.42 19.97 -5.20
C VAL A 164 -7.15 18.59 -5.78
N LEU A 165 -8.19 17.75 -5.77
CA LEU A 165 -8.06 16.39 -6.23
C LEU A 165 -8.04 16.35 -7.76
N VAL A 166 -7.21 15.47 -8.28
CA VAL A 166 -7.08 15.22 -9.71
C VAL A 166 -6.95 13.72 -9.88
N ASN A 167 -7.20 13.26 -11.11
CA ASN A 167 -7.12 11.82 -11.43
C ASN A 167 -7.83 10.95 -10.41
N SER A 168 -8.97 11.44 -9.93
CA SER A 168 -9.68 10.85 -8.80
C SER A 168 -11.15 10.66 -9.11
N ASP A 169 -11.47 10.41 -10.38
CA ASP A 169 -12.84 10.24 -10.84
C ASP A 169 -13.77 11.33 -10.28
N TYR A 170 -14.84 10.94 -9.61
CA TYR A 170 -15.86 11.87 -9.16
C TYR A 170 -15.41 12.73 -7.99
N LEU A 171 -14.23 12.49 -7.43
CA LEU A 171 -13.66 13.39 -6.44
C LEU A 171 -12.90 14.56 -7.06
N ASP A 172 -12.72 14.58 -8.39
CA ASP A 172 -11.92 15.61 -9.03
C ASP A 172 -12.42 17.01 -8.70
N GLY A 173 -11.50 17.88 -8.32
CA GLY A 173 -11.82 19.26 -8.01
C GLY A 173 -12.10 19.52 -6.55
N LEU A 174 -12.27 18.48 -5.75
CA LEU A 174 -12.61 18.70 -4.36
C LEU A 174 -11.40 19.18 -3.58
N ASP A 175 -11.67 19.96 -2.54
CA ASP A 175 -10.71 20.26 -1.51
C ASP A 175 -10.35 19.00 -0.73
N ILE A 176 -9.12 18.96 -0.21
CA ILE A 176 -8.62 17.80 0.54
C ILE A 176 -9.54 17.44 1.70
N GLU A 177 -9.99 18.44 2.45
CA GLU A 177 -10.84 18.18 3.62
C GLU A 177 -12.18 17.60 3.20
N ALA A 178 -12.73 18.02 2.07
CA ALA A 178 -13.99 17.42 1.64
C ALA A 178 -13.77 16.01 1.12
N ALA A 179 -12.66 15.78 0.42
CA ALA A 179 -12.39 14.45 -0.10
C ALA A 179 -12.19 13.45 1.04
N LYS A 180 -11.55 13.87 2.14
CA LYS A 180 -11.37 12.95 3.27
C LYS A 180 -12.71 12.42 3.75
N VAL A 181 -13.70 13.31 3.88
CA VAL A 181 -15.01 12.93 4.36
C VAL A 181 -15.71 12.06 3.34
N GLU A 182 -15.65 12.44 2.06
CA GLU A 182 -16.32 11.65 1.04
C GLU A 182 -15.80 10.22 1.02
N VAL A 183 -14.48 10.05 1.08
CA VAL A 183 -13.96 8.69 1.08
C VAL A 183 -14.44 7.93 2.30
N THR A 184 -14.42 8.58 3.47
CA THR A 184 -14.84 7.90 4.70
C THR A 184 -16.31 7.47 4.61
N ARG A 185 -17.16 8.37 4.10
CA ARG A 185 -18.60 8.08 4.00
C ARG A 185 -18.87 6.95 3.02
N ARG A 186 -18.12 6.88 1.92
CA ARG A 186 -18.29 5.78 0.98
C ARG A 186 -17.89 4.45 1.61
N LEU A 187 -16.76 4.43 2.32
CA LEU A 187 -16.36 3.23 3.06
C LEU A 187 -17.45 2.79 4.03
N VAL A 188 -17.93 3.72 4.87
CA VAL A 188 -18.99 3.41 5.82
C VAL A 188 -20.20 2.83 5.11
N LYS A 189 -20.65 3.51 4.05
CA LYS A 189 -21.82 3.03 3.31
C LYS A 189 -21.59 1.63 2.73
N ASP A 190 -20.38 1.36 2.26
CA ASP A 190 -20.08 0.08 1.62
C ASP A 190 -19.50 -0.94 2.58
N GLY A 191 -19.55 -0.68 3.89
CA GLY A 191 -19.02 -1.65 4.84
C GLY A 191 -17.53 -1.90 4.73
N ARG A 192 -16.76 -0.94 4.21
CA ARG A 192 -15.33 -1.15 3.98
C ARG A 192 -14.45 -0.20 4.80
N GLY A 193 -14.96 0.32 5.90
CA GLY A 193 -14.15 1.18 6.75
C GLY A 193 -15.00 2.16 7.53
N GLU A 194 -14.33 2.99 8.30
CA GLU A 194 -14.98 3.97 9.17
C GLU A 194 -13.97 5.07 9.48
N SER A 195 -14.46 6.18 10.03
CA SER A 195 -13.54 7.21 10.49
C SER A 195 -12.85 6.74 11.76
N ARG A 196 -11.60 7.18 11.94
CA ARG A 196 -10.81 6.75 13.08
C ARG A 196 -9.87 7.84 13.55
S SO4 B . -0.51 7.75 7.29
O1 SO4 B . -1.49 8.60 6.63
O2 SO4 B . 0.73 8.52 7.51
O3 SO4 B . -1.01 7.27 8.58
O4 SO4 B . -0.23 6.59 6.44
S SO4 C . -7.17 4.85 18.43
O1 SO4 C . -8.41 5.26 17.78
O2 SO4 C . -6.14 5.84 18.15
O3 SO4 C . -7.37 4.73 19.88
O4 SO4 C . -6.75 3.54 17.93
S SO4 D . 7.66 -23.83 -5.73
O1 SO4 D . 6.37 -23.21 -5.45
O2 SO4 D . 8.68 -22.81 -5.89
O3 SO4 D . 8.00 -24.74 -4.64
O4 SO4 D . 7.57 -24.60 -6.98
#